data_3V9O
#
_entry.id   3V9O
#
_cell.length_a   73.984
_cell.length_b   73.984
_cell.length_c   110.976
_cell.angle_alpha   90.000
_cell.angle_beta   90.000
_cell.angle_gamma   90.000
#
_symmetry.space_group_name_H-M   'I 4 2 2'
#
loop_
_entity.id
_entity.type
_entity.pdbx_description
1 polymer 'Dihydroneopterin aldolase'
2 non-polymer 1,2-ETHANEDIOL
3 non-polymer GUANINE
4 non-polymer 'SULFATE ION'
5 water water
#
_entity_poly.entity_id   1
_entity_poly.type   'polypeptide(L)'
_entity_poly.pdbx_seq_one_letter_code
;GPGSMTGTTMFAALLHPRLADCRRLYLRNHEVYMNIGAFEHEKRGEQRVVINVDLFVPLALTTPVEDKLREVVDYDLMKQ
SVAQCVARGHIHLQETLCDAIAASLLAHDAVRAVRVSTEKPDAYPDCDAVGVEVFRIKDEERA
;
_entity_poly.pdbx_strand_id   A
#
# COMPACT_ATOMS: atom_id res chain seq x y z
N ALA A 13 -11.19 1.36 -11.15
CA ALA A 13 -9.86 1.99 -11.16
C ALA A 13 -9.06 1.68 -12.43
N LEU A 14 -9.14 0.45 -12.93
CA LEU A 14 -8.44 0.07 -14.16
C LEU A 14 -9.16 0.62 -15.42
N LEU A 15 -10.23 1.37 -15.20
CA LEU A 15 -10.92 2.10 -16.27
C LEU A 15 -10.33 3.51 -16.45
N HIS A 16 -9.72 4.04 -15.38
CA HIS A 16 -9.03 5.33 -15.44
C HIS A 16 -8.04 5.29 -16.62
N PRO A 17 -8.01 6.34 -17.44
CA PRO A 17 -7.22 6.36 -18.69
C PRO A 17 -5.72 6.16 -18.48
N ARG A 18 -5.17 6.62 -17.35
CA ARG A 18 -3.75 6.50 -17.07
C ARG A 18 -3.40 5.11 -16.55
N LEU A 19 -4.44 4.32 -16.29
CA LEU A 19 -4.29 3.01 -15.65
C LEU A 19 -4.84 1.91 -16.55
N ALA A 20 -5.37 2.29 -17.71
CA ALA A 20 -5.97 1.30 -18.62
C ALA A 20 -4.97 0.27 -19.17
N ASP A 21 -3.69 0.60 -19.15
CA ASP A 21 -2.69 -0.30 -19.68
C ASP A 21 -1.96 -0.99 -18.52
N CYS A 22 -2.57 -0.98 -17.33
CA CYS A 22 -1.97 -1.54 -16.12
C CYS A 22 -2.76 -2.77 -15.61
N ARG A 23 -2.06 -3.62 -14.90
CA ARG A 23 -2.73 -4.55 -13.97
C ARG A 23 -2.65 -4.01 -12.56
N ARG A 24 -3.51 -4.51 -11.71
CA ARG A 24 -3.56 -4.10 -10.32
CA ARG A 24 -3.54 -4.11 -10.29
C ARG A 24 -3.07 -5.26 -9.43
N LEU A 25 -2.05 -5.04 -8.62
CA LEU A 25 -1.63 -5.98 -7.59
C LEU A 25 -2.23 -5.45 -6.30
N TYR A 26 -2.72 -6.33 -5.42
CA TYR A 26 -3.39 -5.81 -4.23
C TYR A 26 -3.06 -6.68 -3.02
N LEU A 27 -2.99 -5.96 -1.89
CA LEU A 27 -2.80 -6.58 -0.57
C LEU A 27 -4.00 -6.17 0.26
N ARG A 28 -4.81 -7.16 0.68
CA ARG A 28 -6.04 -6.87 1.43
C ARG A 28 -5.87 -7.14 2.90
N ASN A 29 -6.21 -6.12 3.69
CA ASN A 29 -6.24 -6.20 5.19
C ASN A 29 -4.97 -6.81 5.76
N HIS A 30 -3.83 -6.13 5.54
CA HIS A 30 -2.61 -6.48 6.23
C HIS A 30 -2.67 -5.83 7.60
N GLU A 31 -2.69 -6.64 8.64
CA GLU A 31 -2.70 -6.13 10.01
C GLU A 31 -1.27 -6.08 10.57
N VAL A 32 -1.05 -4.99 11.32
CA VAL A 32 0.17 -4.84 12.09
C VAL A 32 -0.20 -4.32 13.47
N TYR A 33 0.70 -4.54 14.43
CA TYR A 33 0.55 -3.98 15.75
C TYR A 33 1.73 -3.04 15.93
N MET A 34 1.44 -1.80 16.32
CA MET A 34 2.52 -0.83 16.43
C MET A 34 2.11 0.25 17.41
N ASN A 35 3.09 1.03 17.87
CA ASN A 35 2.78 2.22 18.66
C ASN A 35 2.42 3.32 17.67
N ILE A 36 1.23 3.88 17.84
CA ILE A 36 0.73 4.90 16.93
C ILE A 36 -0.30 5.69 17.71
N GLY A 37 -0.31 7.00 17.56
CA GLY A 37 -1.27 7.76 18.32
C GLY A 37 -0.76 9.16 18.42
N ALA A 38 -1.66 10.11 18.14
CA ALA A 38 -1.42 11.54 18.34
C ALA A 38 -1.65 11.95 19.79
N GLY A 45 -0.23 0.78 25.24
CA GLY A 45 0.29 -0.35 24.49
C GLY A 45 0.12 -0.27 22.98
N GLU A 46 0.60 -1.27 22.25
CA GLU A 46 0.47 -1.23 20.81
C GLU A 46 -0.99 -1.24 20.39
N GLN A 47 -1.23 -0.69 19.22
CA GLN A 47 -2.55 -0.71 18.63
CA GLN A 47 -2.55 -0.70 18.62
C GLN A 47 -2.54 -1.52 17.35
N ARG A 48 -3.69 -2.08 16.98
CA ARG A 48 -3.83 -2.77 15.71
CA ARG A 48 -3.82 -2.77 15.70
C ARG A 48 -4.12 -1.77 14.60
N VAL A 49 -3.38 -1.85 13.50
CA VAL A 49 -3.59 -0.98 12.32
C VAL A 49 -3.79 -1.91 11.15
N VAL A 50 -4.81 -1.63 10.30
CA VAL A 50 -5.10 -2.50 9.14
C VAL A 50 -4.80 -1.67 7.87
N ILE A 51 -4.01 -2.27 6.99
CA ILE A 51 -3.44 -1.56 5.81
C ILE A 51 -3.89 -2.25 4.55
N ASN A 52 -4.33 -1.49 3.55
CA ASN A 52 -4.68 -2.04 2.24
C ASN A 52 -3.87 -1.32 1.21
N VAL A 53 -3.38 -2.06 0.20
CA VAL A 53 -2.50 -1.46 -0.84
C VAL A 53 -2.93 -1.98 -2.20
N ASP A 54 -2.95 -1.06 -3.17
CA ASP A 54 -3.17 -1.39 -4.60
C ASP A 54 -1.97 -0.79 -5.34
N LEU A 55 -1.26 -1.63 -6.10
CA LEU A 55 -0.15 -1.18 -6.90
C LEU A 55 -0.53 -1.33 -8.37
N PHE A 56 -0.42 -0.29 -9.18
CA PHE A 56 -0.74 -0.34 -10.63
C PHE A 56 0.54 -0.42 -11.40
N VAL A 57 0.74 -1.52 -12.12
CA VAL A 57 1.97 -1.76 -12.87
C VAL A 57 1.62 -2.01 -14.36
N PRO A 58 2.38 -1.47 -15.31
CA PRO A 58 2.01 -1.64 -16.71
C PRO A 58 1.99 -3.10 -17.15
N LEU A 59 0.96 -3.51 -17.91
CA LEU A 59 0.97 -4.81 -18.57
C LEU A 59 2.21 -5.03 -19.37
N ALA A 60 2.71 -4.00 -20.07
CA ALA A 60 3.84 -4.19 -20.95
C ALA A 60 5.09 -4.60 -20.18
N LEU A 61 5.11 -4.29 -18.88
CA LEU A 61 6.26 -4.63 -18.05
C LEU A 61 6.02 -5.89 -17.22
N THR A 62 4.81 -6.47 -17.26
CA THR A 62 4.46 -7.51 -16.26
C THR A 62 3.62 -8.59 -16.86
N THR A 63 3.81 -8.90 -18.14
CA THR A 63 3.03 -9.94 -18.81
C THR A 63 3.95 -11.10 -19.02
N PRO A 64 3.82 -12.15 -18.19
CA PRO A 64 4.71 -13.29 -18.33
C PRO A 64 4.33 -14.14 -19.51
N VAL A 65 5.34 -14.47 -20.28
CA VAL A 65 5.15 -15.40 -21.36
C VAL A 65 5.89 -16.70 -21.11
N GLU A 66 6.70 -16.75 -20.04
CA GLU A 66 7.38 -17.99 -19.64
C GLU A 66 7.04 -18.40 -18.23
N ASP A 67 6.02 -17.79 -17.65
CA ASP A 67 5.59 -18.09 -16.27
C ASP A 67 6.75 -17.99 -15.27
N LYS A 68 7.60 -16.99 -15.43
CA LYS A 68 8.74 -16.76 -14.50
C LYS A 68 8.63 -15.46 -13.72
N LEU A 69 8.98 -15.52 -12.44
CA LEU A 69 8.83 -14.41 -11.53
C LEU A 69 9.58 -13.17 -12.03
N ARG A 70 10.74 -13.34 -12.67
CA ARG A 70 11.51 -12.23 -13.20
C ARG A 70 10.74 -11.41 -14.24
N GLU A 71 9.67 -11.98 -14.81
CA GLU A 71 8.87 -11.28 -15.83
C GLU A 71 7.85 -10.31 -15.24
N VAL A 72 7.65 -10.34 -13.92
CA VAL A 72 6.64 -9.49 -13.31
C VAL A 72 7.18 -8.68 -12.13
N VAL A 73 6.39 -7.73 -11.65
CA VAL A 73 6.71 -7.02 -10.40
C VAL A 73 6.25 -7.90 -9.24
N ASP A 74 7.22 -8.36 -8.43
CA ASP A 74 6.94 -9.26 -7.31
C ASP A 74 6.02 -8.57 -6.31
N TYR A 75 4.83 -9.10 -6.08
CA TYR A 75 3.91 -8.45 -5.20
C TYR A 75 4.29 -8.52 -3.71
N ASP A 76 5.33 -9.27 -3.36
CA ASP A 76 5.88 -9.23 -2.00
C ASP A 76 6.39 -7.81 -1.64
N LEU A 77 6.64 -6.97 -2.63
CA LEU A 77 7.06 -5.62 -2.34
CA LEU A 77 7.02 -5.56 -2.42
C LEU A 77 6.08 -4.84 -1.50
N MET A 78 4.77 -5.13 -1.60
CA MET A 78 3.79 -4.38 -0.79
C MET A 78 3.98 -4.68 0.70
N LYS A 79 3.98 -5.94 1.12
CA LYS A 79 4.15 -6.25 2.53
C LYS A 79 5.55 -5.79 2.98
N GLN A 80 6.57 -5.94 2.16
CA GLN A 80 7.92 -5.49 2.54
C GLN A 80 7.96 -4.00 2.83
N SER A 81 7.34 -3.21 1.97
CA SER A 81 7.26 -1.77 2.15
CA SER A 81 7.33 -1.78 2.19
C SER A 81 6.57 -1.39 3.44
N VAL A 82 5.43 -2.04 3.71
CA VAL A 82 4.72 -1.73 4.96
C VAL A 82 5.64 -2.09 6.12
N ALA A 83 6.27 -3.25 6.12
CA ALA A 83 7.15 -3.63 7.23
C ALA A 83 8.26 -2.63 7.44
N GLN A 84 8.88 -2.14 6.37
CA GLN A 84 9.97 -1.21 6.51
C GLN A 84 9.48 0.09 7.16
N CYS A 85 8.31 0.56 6.73
CA CYS A 85 7.77 1.80 7.28
C CYS A 85 7.37 1.68 8.75
N VAL A 86 6.76 0.58 9.09
CA VAL A 86 6.32 0.36 10.48
C VAL A 86 7.56 0.21 11.37
N ALA A 87 8.63 -0.39 10.86
CA ALA A 87 9.82 -0.67 11.66
C ALA A 87 10.62 0.59 12.01
N ARG A 88 10.34 1.69 11.32
CA ARG A 88 11.03 2.96 11.63
C ARG A 88 10.61 3.56 12.98
N GLY A 89 9.47 3.13 13.49
CA GLY A 89 9.06 3.57 14.81
C GLY A 89 8.70 5.06 14.84
N HIS A 90 8.24 5.51 16.00
CA HIS A 90 7.98 6.94 16.21
C HIS A 90 6.92 7.58 15.34
N ILE A 91 5.92 6.79 14.94
CA ILE A 91 4.78 7.28 14.14
C ILE A 91 3.63 7.68 15.09
N HIS A 92 3.19 8.95 15.01
CA HIS A 92 2.00 9.48 15.68
C HIS A 92 0.69 9.53 14.87
N LEU A 93 0.76 10.03 13.63
CA LEU A 93 -0.42 10.18 12.79
C LEU A 93 -0.55 9.09 11.76
N GLN A 94 -1.78 8.71 11.42
CA GLN A 94 -2.02 7.78 10.32
C GLN A 94 -1.48 8.36 9.02
N GLU A 95 -1.60 9.66 8.77
CA GLU A 95 -1.07 10.26 7.54
C GLU A 95 0.42 10.00 7.41
N THR A 96 1.15 10.06 8.52
CA THR A 96 2.61 9.82 8.44
C THR A 96 2.90 8.42 7.92
N LEU A 97 2.19 7.41 8.40
CA LEU A 97 2.40 6.05 7.96
C LEU A 97 1.89 5.86 6.55
N CYS A 98 0.69 6.32 6.25
CA CYS A 98 0.12 6.11 4.96
C CYS A 98 0.95 6.76 3.85
N ASP A 99 1.34 7.99 4.07
CA ASP A 99 2.14 8.71 3.09
C ASP A 99 3.49 8.03 2.90
N ALA A 100 4.11 7.51 3.97
CA ALA A 100 5.41 6.86 3.84
C ALA A 100 5.31 5.58 3.05
N ILE A 101 4.25 4.80 3.21
CA ILE A 101 4.08 3.56 2.46
C ILE A 101 3.87 3.93 1.01
N ALA A 102 3.03 4.93 0.74
CA ALA A 102 2.82 5.31 -0.65
C ALA A 102 4.10 5.80 -1.32
N ALA A 103 4.90 6.63 -0.64
CA ALA A 103 6.14 7.12 -1.23
C ALA A 103 7.12 5.98 -1.51
N SER A 104 7.24 5.06 -0.55
CA SER A 104 8.11 3.90 -0.76
C SER A 104 7.72 3.11 -1.99
N LEU A 105 6.42 2.83 -2.14
CA LEU A 105 5.98 1.97 -3.24
C LEU A 105 6.03 2.69 -4.61
N LEU A 106 5.88 4.01 -4.64
CA LEU A 106 6.05 4.77 -5.88
C LEU A 106 7.48 4.78 -6.33
N ALA A 107 8.46 4.47 -5.46
CA ALA A 107 9.86 4.64 -5.82
C ALA A 107 10.42 3.45 -6.59
N HIS A 108 9.70 3.01 -7.62
CA HIS A 108 10.04 1.81 -8.41
C HIS A 108 9.68 2.14 -9.84
N ASP A 109 10.57 1.86 -10.78
CA ASP A 109 10.34 2.18 -12.17
C ASP A 109 9.05 1.58 -12.75
N ALA A 110 8.69 0.38 -12.32
CA ALA A 110 7.55 -0.27 -12.97
C ALA A 110 6.24 0.02 -12.24
N VAL A 111 6.22 0.93 -11.24
CA VAL A 111 4.98 1.31 -10.57
C VAL A 111 4.47 2.61 -11.20
N ARG A 112 3.25 2.58 -11.73
CA ARG A 112 2.57 3.73 -12.31
C ARG A 112 1.78 4.49 -11.27
N ALA A 113 1.17 3.77 -10.30
CA ALA A 113 0.31 4.40 -9.29
C ALA A 113 0.18 3.54 -8.07
N VAL A 114 -0.19 4.12 -6.96
CA VAL A 114 -0.45 3.33 -5.76
CA VAL A 114 -0.44 3.37 -5.73
C VAL A 114 -1.62 3.92 -4.98
N ARG A 115 -2.44 3.04 -4.40
CA ARG A 115 -3.49 3.45 -3.47
C ARG A 115 -3.05 2.81 -2.13
N VAL A 116 -3.02 3.55 -1.04
CA VAL A 116 -2.73 3.01 0.29
C VAL A 116 -3.75 3.57 1.25
N SER A 117 -4.34 2.68 2.06
CA SER A 117 -5.15 3.10 3.20
C SER A 117 -4.57 2.49 4.47
N THR A 118 -4.65 3.26 5.54
CA THR A 118 -4.45 2.75 6.90
C THR A 118 -5.72 2.99 7.69
N GLU A 119 -5.99 2.13 8.68
CA GLU A 119 -7.16 2.40 9.54
C GLU A 119 -6.89 1.78 10.87
N LYS A 120 -7.59 2.36 11.88
CA LYS A 120 -7.57 1.87 13.23
C LYS A 120 -8.92 1.30 13.59
N PRO A 121 -9.02 -0.03 13.65
CA PRO A 121 -10.32 -0.63 14.03
C PRO A 121 -10.75 -0.27 15.44
N ASP A 122 -9.83 0.05 16.32
CA ASP A 122 -10.19 0.28 17.75
C ASP A 122 -10.19 1.74 18.11
N ALA A 123 -10.19 2.65 17.17
CA ALA A 123 -10.24 4.06 17.55
C ALA A 123 -11.47 4.43 18.38
N TYR A 124 -12.63 3.88 18.02
CA TYR A 124 -13.86 4.24 18.70
C TYR A 124 -14.68 3.00 18.98
N PRO A 125 -15.28 2.86 20.15
CA PRO A 125 -16.07 1.65 20.46
C PRO A 125 -17.30 1.45 19.55
N ASP A 126 -17.84 2.55 19.01
CA ASP A 126 -19.10 2.49 18.23
C ASP A 126 -18.86 2.67 16.72
N CYS A 127 -17.65 2.41 16.25
CA CYS A 127 -17.34 2.45 14.82
C CYS A 127 -16.47 1.27 14.44
N ASP A 128 -16.60 0.76 13.23
CA ASP A 128 -15.74 -0.33 12.78
C ASP A 128 -14.31 0.14 12.57
N ALA A 129 -14.10 1.35 12.04
CA ALA A 129 -12.73 1.87 11.82
C ALA A 129 -12.72 3.33 11.50
N VAL A 130 -11.60 4.00 11.69
CA VAL A 130 -11.38 5.31 11.10
C VAL A 130 -10.03 5.22 10.41
N GLY A 131 -9.97 5.82 9.24
CA GLY A 131 -8.76 5.66 8.42
C GLY A 131 -8.53 6.81 7.50
N VAL A 132 -7.38 6.65 6.82
CA VAL A 132 -6.82 7.63 5.87
C VAL A 132 -6.43 6.91 4.58
N GLU A 133 -6.71 7.51 3.43
CA GLU A 133 -6.33 6.89 2.15
C GLU A 133 -5.74 7.92 1.23
N VAL A 134 -4.70 7.51 0.51
CA VAL A 134 -4.16 8.30 -0.59
C VAL A 134 -4.12 7.50 -1.88
N PHE A 135 -4.16 8.17 -3.01
CA PHE A 135 -4.07 7.54 -4.35
C PHE A 135 -3.20 8.46 -5.18
N ARG A 136 -2.03 7.99 -5.49
CA ARG A 136 -1.07 8.80 -6.22
CA ARG A 136 -1.02 8.77 -6.20
C ARG A 136 -0.73 8.14 -7.55
N ILE A 137 -0.77 8.95 -8.61
CA ILE A 137 -0.46 8.46 -9.95
C ILE A 137 0.70 9.23 -10.49
N LYS A 138 1.70 8.56 -11.07
CA LYS A 138 2.77 9.29 -11.70
C LYS A 138 2.33 10.01 -12.99
N ASP A 139 2.80 11.25 -13.17
CA ASP A 139 2.50 12.03 -14.38
C ASP A 139 3.12 11.43 -15.65
#